data_8SC1
#
_entry.id   8SC1
#
_cell.length_a   1.00
_cell.length_b   1.00
_cell.length_c   1.00
_cell.angle_alpha   90.00
_cell.angle_beta   90.00
_cell.angle_gamma   90.00
#
_symmetry.space_group_name_H-M   'P 1'
#
_entity_poly.entity_id   1
_entity_poly.type   'polypeptide(L)'
_entity_poly.pdbx_seq_one_letter_code
;MPTVDDILEQVGESGWFQKQAFLILCLLSAAFAPICVGIVFLGFTPDHHCQSPGVAELSQRCGWSPAEELNYTVPGLGPA
GEAFLGQCRRYEVDWNQSALSCVDPLASLATNRSHLPLGPCQDGWVYDTPGSSIVTEFNLVCADSWKLDLFQSCLNAGFL
FGSLGVGYFADRFGRKLCLLGTVLVNAVSGVLMAFSPNYMSMLLFRLLQGLVSKGNWMAGYTLITEFVGSGSRRTVAIMY
QMAFTVGLVALTGLAYALPHWRWLQLAVSLPTFLFLLYYWCVPESPRWLLSQKRNTEAIKIMDHIAQKNGKLPPADLKML
SLEEDVTEKLSPSFADLFRTPRLRKRTFILMYLWFTDSVLYQGLILHMGATSGNLYLDFLYSALVEIPGAFIALITIDRV
GRIYPMAMSNLLAGAACLVMIFISPDLHWLNIIIMCVGRMGITIAIQMICLVNAELYPTFVRNLGVMVCSSLCDIGGIIT
PFIVFRLREVWQALPLILFAVLGLLAAGVTLLLPETKGVALPETMKDAENLGRKAKPKENTIYLKVQTSEPSGT
;
_entity_poly.pdbx_strand_id   A
#
# COMPACT_ATOMS: atom_id res chain seq x y z
N LYS A 19 2.73 25.02 -21.59
CA LYS A 19 3.87 24.74 -20.73
C LYS A 19 4.31 23.28 -20.91
N GLN A 20 5.02 23.02 -22.01
CA GLN A 20 5.37 21.65 -22.36
C GLN A 20 6.22 20.98 -21.30
N ALA A 21 7.10 21.75 -20.63
CA ALA A 21 8.03 21.17 -19.66
C ALA A 21 7.32 20.82 -18.35
N PHE A 22 6.25 21.53 -18.03
CA PHE A 22 5.48 21.26 -16.82
C PHE A 22 4.68 19.97 -16.96
N LEU A 23 3.88 19.86 -18.02
CA LEU A 23 3.01 18.69 -18.21
C LEU A 23 3.78 17.37 -18.18
N ILE A 24 5.02 17.36 -18.68
CA ILE A 24 5.75 16.09 -18.75
C ILE A 24 6.24 15.68 -17.37
N LEU A 25 6.61 16.63 -16.51
CA LEU A 25 6.98 16.23 -15.16
C LEU A 25 5.75 15.88 -14.35
N CYS A 26 4.59 16.49 -14.66
CA CYS A 26 3.38 16.04 -13.98
C CYS A 26 2.99 14.64 -14.44
N LEU A 27 3.36 14.27 -15.67
CA LEU A 27 3.14 12.92 -16.15
C LEU A 27 4.09 11.95 -15.44
N LEU A 28 5.28 12.44 -15.10
CA LEU A 28 6.25 11.63 -14.35
C LEU A 28 5.85 11.48 -12.88
N SER A 29 5.09 12.43 -12.34
CA SER A 29 4.57 12.32 -10.98
C SER A 29 3.34 11.43 -10.88
N ALA A 30 2.47 11.47 -11.89
CA ALA A 30 1.28 10.61 -11.91
C ALA A 30 1.65 9.14 -12.01
N ALA A 31 2.63 8.80 -12.84
CA ALA A 31 3.03 7.42 -13.08
C ALA A 31 3.70 6.76 -11.88
N PHE A 32 4.07 7.53 -10.86
CA PHE A 32 4.65 6.94 -9.65
C PHE A 32 3.59 6.27 -8.76
N ALA A 33 2.37 6.81 -8.72
CA ALA A 33 1.34 6.28 -7.83
C ALA A 33 1.00 4.79 -8.02
N PRO A 34 0.86 4.27 -9.26
CA PRO A 34 0.64 2.83 -9.40
C PRO A 34 1.75 1.96 -8.84
N ILE A 35 2.98 2.48 -8.75
CA ILE A 35 4.07 1.66 -8.24
C ILE A 35 3.93 1.49 -6.73
N CYS A 36 3.55 2.57 -6.04
CA CYS A 36 3.40 2.53 -4.59
C CYS A 36 2.14 1.82 -4.15
N VAL A 37 1.02 2.01 -4.84
CA VAL A 37 -0.27 1.56 -4.34
C VAL A 37 -0.89 0.42 -5.16
N GLY A 38 -0.31 0.09 -6.32
CA GLY A 38 -0.88 -0.94 -7.18
C GLY A 38 -1.04 -2.32 -6.56
N ILE A 39 -0.32 -2.60 -5.47
CA ILE A 39 -0.49 -3.88 -4.76
C ILE A 39 -1.93 -4.12 -4.33
N VAL A 40 -2.71 -3.05 -4.11
CA VAL A 40 -4.10 -3.19 -3.71
C VAL A 40 -4.92 -3.93 -4.76
N PHE A 41 -4.58 -3.76 -6.04
CA PHE A 41 -5.32 -4.36 -7.14
C PHE A 41 -4.63 -5.57 -7.76
N LEU A 42 -3.29 -5.62 -7.71
CA LEU A 42 -2.56 -6.74 -8.28
C LEU A 42 -2.52 -7.95 -7.35
N GLY A 43 -2.81 -7.78 -6.06
CA GLY A 43 -2.66 -8.85 -5.11
C GLY A 43 -3.83 -9.07 -4.17
N PHE A 44 -5.05 -9.06 -4.70
CA PHE A 44 -6.23 -9.34 -3.89
C PHE A 44 -6.38 -10.85 -3.64
N THR A 45 -6.94 -11.18 -2.48
CA THR A 45 -7.19 -12.57 -2.10
C THR A 45 -8.68 -12.91 -2.16
N PRO A 46 -9.11 -13.76 -3.08
CA PRO A 46 -10.51 -14.21 -3.09
C PRO A 46 -10.72 -15.39 -2.15
N ASP A 47 -11.99 -15.76 -1.99
CA ASP A 47 -12.36 -16.93 -1.21
C ASP A 47 -11.84 -18.21 -1.85
N HIS A 48 -11.39 -19.15 -1.02
CA HIS A 48 -10.73 -20.35 -1.52
C HIS A 48 -10.99 -21.52 -0.58
N HIS A 49 -10.86 -22.73 -1.14
CA HIS A 49 -10.91 -23.98 -0.39
C HIS A 49 -10.12 -25.02 -1.17
N CYS A 50 -9.78 -26.14 -0.53
CA CYS A 50 -9.00 -27.15 -1.21
C CYS A 50 -9.78 -27.73 -2.39
N GLN A 51 -9.05 -28.01 -3.47
CA GLN A 51 -9.55 -28.89 -4.52
C GLN A 51 -9.59 -30.34 -4.05
N SER A 52 -10.64 -31.06 -4.46
CA SER A 52 -10.74 -32.49 -4.15
C SER A 52 -11.22 -33.23 -5.39
N PRO A 53 -10.62 -34.38 -5.69
CA PRO A 53 -11.17 -35.24 -6.74
C PRO A 53 -12.49 -35.87 -6.34
N GLY A 54 -13.27 -36.25 -7.35
CA GLY A 54 -14.54 -36.90 -7.12
C GLY A 54 -15.67 -36.01 -6.67
N VAL A 55 -15.34 -34.90 -6.01
CA VAL A 55 -16.36 -33.96 -5.56
C VAL A 55 -17.14 -33.39 -6.74
N ALA A 56 -16.43 -32.98 -7.79
CA ALA A 56 -17.11 -32.43 -8.97
C ALA A 56 -17.99 -33.47 -9.67
N GLU A 57 -17.51 -34.71 -9.79
CA GLU A 57 -18.34 -35.77 -10.36
C GLU A 57 -19.57 -36.08 -9.52
N LEU A 58 -19.41 -36.17 -8.20
CA LEU A 58 -20.56 -36.37 -7.32
C LEU A 58 -21.55 -35.21 -7.40
N SER A 59 -21.04 -33.98 -7.40
CA SER A 59 -21.87 -32.79 -7.55
C SER A 59 -22.64 -32.78 -8.87
N GLN A 60 -22.01 -33.24 -9.95
CA GLN A 60 -22.72 -33.37 -11.23
C GLN A 60 -23.78 -34.46 -11.19
N ARG A 61 -23.44 -35.63 -10.63
CA ARG A 61 -24.40 -36.73 -10.56
C ARG A 61 -25.60 -36.36 -9.69
N CYS A 62 -25.37 -35.77 -8.52
CA CYS A 62 -26.44 -35.39 -7.61
C CYS A 62 -27.03 -34.02 -7.92
N GLY A 63 -26.29 -33.13 -8.58
CA GLY A 63 -26.83 -31.85 -9.01
C GLY A 63 -26.82 -30.74 -7.99
N TRP A 64 -25.75 -30.62 -7.21
CA TRP A 64 -25.67 -29.57 -6.19
C TRP A 64 -25.63 -28.19 -6.83
N SER A 65 -26.27 -27.22 -6.17
CA SER A 65 -26.09 -25.83 -6.51
C SER A 65 -24.80 -25.30 -5.90
N PRO A 66 -24.26 -24.17 -6.40
CA PRO A 66 -22.90 -23.78 -6.02
C PRO A 66 -22.73 -23.48 -4.53
N ALA A 67 -23.74 -22.88 -3.89
CA ALA A 67 -23.68 -22.65 -2.44
C ALA A 67 -24.01 -23.89 -1.63
N GLU A 68 -24.74 -24.84 -2.20
CA GLU A 68 -25.08 -26.09 -1.52
C GLU A 68 -23.91 -27.06 -1.49
N GLU A 69 -23.11 -27.07 -2.56
CA GLU A 69 -21.90 -27.89 -2.60
C GLU A 69 -20.96 -27.56 -1.44
N LEU A 70 -20.83 -26.27 -1.11
CA LEU A 70 -20.06 -25.89 0.07
C LEU A 70 -20.68 -26.48 1.33
N ASN A 71 -21.98 -26.30 1.52
CA ASN A 71 -22.62 -26.75 2.74
C ASN A 71 -22.46 -28.26 2.93
N TYR A 72 -22.50 -29.02 1.83
CA TYR A 72 -22.28 -30.46 1.91
C TYR A 72 -20.81 -30.88 1.99
N THR A 73 -19.86 -30.01 1.66
CA THR A 73 -18.55 -30.55 1.26
C THR A 73 -17.39 -29.90 2.00
N VAL A 74 -17.50 -28.61 2.33
CA VAL A 74 -16.38 -27.85 2.88
C VAL A 74 -16.57 -27.76 4.39
N PRO A 75 -15.53 -27.98 5.20
CA PRO A 75 -15.68 -27.91 6.66
C PRO A 75 -16.25 -26.58 7.12
N GLY A 76 -17.19 -26.67 8.06
CA GLY A 76 -17.91 -25.49 8.49
C GLY A 76 -17.06 -24.54 9.31
N LEU A 77 -17.55 -23.30 9.40
CA LEU A 77 -16.85 -22.26 10.17
C LEU A 77 -16.75 -22.63 11.64
N GLY A 78 -17.88 -23.05 12.24
CA GLY A 78 -17.93 -23.30 13.66
C GLY A 78 -17.78 -22.04 14.48
N PRO A 79 -17.40 -22.19 15.75
CA PRO A 79 -17.32 -21.02 16.63
C PRO A 79 -16.14 -20.13 16.30
N ALA A 80 -16.31 -18.84 16.60
CA ALA A 80 -15.27 -17.82 16.46
C ALA A 80 -14.76 -17.70 15.02
N GLY A 81 -15.60 -18.02 14.05
CA GLY A 81 -15.22 -17.92 12.65
C GLY A 81 -14.34 -19.05 12.15
N GLU A 82 -13.09 -19.06 12.61
CA GLU A 82 -12.12 -20.14 12.41
C GLU A 82 -12.12 -20.67 10.97
N ALA A 83 -12.16 -19.77 10.00
CA ALA A 83 -12.28 -20.16 8.60
C ALA A 83 -11.13 -21.05 8.13
N PHE A 84 -10.03 -21.08 8.87
CA PHE A 84 -8.90 -21.97 8.64
C PHE A 84 -9.28 -23.40 8.29
N LEU A 85 -10.25 -23.98 8.99
CA LEU A 85 -10.62 -25.37 8.73
C LEU A 85 -11.26 -25.55 7.36
N GLY A 86 -11.91 -24.52 6.83
CA GLY A 86 -12.39 -24.56 5.46
C GLY A 86 -11.38 -24.15 4.41
N GLN A 87 -10.54 -23.17 4.73
CA GLN A 87 -9.59 -22.64 3.77
C GLN A 87 -8.38 -23.55 3.54
N CYS A 88 -7.92 -24.27 4.57
CA CYS A 88 -6.64 -24.95 4.51
C CYS A 88 -6.71 -26.44 4.87
N ARG A 89 -7.91 -27.01 5.01
CA ARG A 89 -8.06 -28.43 5.31
C ARG A 89 -9.20 -29.01 4.51
N ARG A 90 -9.23 -30.35 4.41
CA ARG A 90 -10.31 -31.06 3.75
C ARG A 90 -10.57 -32.40 4.43
N TYR A 91 -11.81 -32.89 4.29
CA TYR A 91 -12.17 -34.20 4.79
C TYR A 91 -11.52 -35.30 3.95
N GLU A 92 -10.89 -36.26 4.63
CA GLU A 92 -10.33 -37.46 3.97
C GLU A 92 -11.43 -38.50 3.78
N VAL A 93 -12.35 -38.19 2.86
CA VAL A 93 -13.50 -39.04 2.59
C VAL A 93 -13.44 -39.49 1.14
N ASP A 94 -13.88 -40.73 0.89
CA ASP A 94 -13.80 -41.35 -0.43
C ASP A 94 -15.01 -40.94 -1.27
N TRP A 95 -14.94 -39.73 -1.82
CA TRP A 95 -16.04 -39.18 -2.61
C TRP A 95 -16.36 -40.00 -3.86
N ASN A 96 -15.49 -40.92 -4.25
CA ASN A 96 -15.78 -41.85 -5.34
C ASN A 96 -16.79 -42.92 -4.95
N GLN A 97 -17.13 -43.05 -3.66
CA GLN A 97 -18.15 -44.01 -3.25
C GLN A 97 -19.49 -43.67 -3.90
N SER A 98 -20.03 -44.66 -4.63
CA SER A 98 -21.26 -44.45 -5.40
C SER A 98 -22.49 -44.39 -4.50
N ALA A 99 -22.47 -45.08 -3.36
CA ALA A 99 -23.63 -45.24 -2.50
C ALA A 99 -23.90 -44.03 -1.61
N LEU A 100 -23.14 -42.95 -1.74
CA LEU A 100 -23.33 -41.80 -0.87
C LEU A 100 -24.73 -41.21 -1.04
N SER A 101 -25.28 -40.70 0.06
CA SER A 101 -26.55 -40.00 0.05
C SER A 101 -26.46 -38.69 -0.72
N CYS A 102 -27.32 -38.53 -1.72
CA CYS A 102 -27.43 -37.27 -2.44
C CYS A 102 -28.14 -36.19 -1.62
N VAL A 103 -28.73 -36.54 -0.48
CA VAL A 103 -29.31 -35.54 0.40
C VAL A 103 -28.27 -34.96 1.34
N ASP A 104 -27.43 -35.80 1.95
CA ASP A 104 -26.36 -35.32 2.82
C ASP A 104 -25.29 -36.41 2.96
N PRO A 105 -24.28 -36.42 2.09
CA PRO A 105 -23.44 -37.61 1.97
C PRO A 105 -22.59 -37.91 3.20
N LEU A 106 -22.20 -36.89 3.98
CA LEU A 106 -21.40 -37.12 5.17
C LEU A 106 -22.17 -37.70 6.34
N ALA A 107 -23.51 -37.61 6.32
CA ALA A 107 -24.28 -37.95 7.51
C ALA A 107 -24.15 -39.42 7.88
N SER A 108 -23.88 -40.28 6.90
CA SER A 108 -23.74 -41.71 7.17
C SER A 108 -22.42 -42.07 7.86
N LEU A 109 -21.42 -41.20 7.81
CA LEU A 109 -20.06 -41.61 8.16
C LEU A 109 -19.77 -41.55 9.65
N ALA A 110 -20.32 -40.57 10.37
CA ALA A 110 -20.03 -40.42 11.79
C ALA A 110 -21.16 -39.68 12.47
N THR A 111 -21.18 -39.75 13.80
CA THR A 111 -22.18 -39.01 14.56
C THR A 111 -22.01 -37.50 14.39
N ASN A 112 -20.78 -37.04 14.20
CA ASN A 112 -20.53 -35.62 13.93
C ASN A 112 -19.38 -35.49 12.94
N ARG A 113 -19.50 -34.50 12.05
CA ARG A 113 -18.45 -34.23 11.07
C ARG A 113 -17.11 -33.92 11.74
N SER A 114 -17.12 -33.45 12.98
CA SER A 114 -15.89 -33.16 13.70
C SER A 114 -15.04 -34.41 13.96
N HIS A 115 -15.64 -35.60 13.85
CA HIS A 115 -14.88 -36.83 14.03
C HIS A 115 -14.11 -37.25 12.78
N LEU A 116 -14.41 -36.67 11.62
CA LEU A 116 -13.74 -37.07 10.39
C LEU A 116 -12.28 -36.63 10.37
N PRO A 117 -11.42 -37.41 9.73
CA PRO A 117 -10.02 -36.99 9.53
C PRO A 117 -9.90 -35.81 8.59
N LEU A 118 -8.99 -34.88 8.93
CA LEU A 118 -8.70 -33.71 8.10
C LEU A 118 -7.32 -33.85 7.46
N GLY A 119 -7.22 -33.47 6.19
CA GLY A 119 -5.94 -33.35 5.52
C GLY A 119 -5.71 -32.00 4.88
N PRO A 120 -4.46 -31.73 4.50
CA PRO A 120 -4.13 -30.46 3.83
C PRO A 120 -4.50 -30.47 2.34
N CYS A 121 -4.41 -29.28 1.75
CA CYS A 121 -4.79 -29.06 0.34
C CYS A 121 -3.72 -29.58 -0.61
N GLN A 122 -3.50 -30.90 -0.58
CA GLN A 122 -2.43 -31.50 -1.37
C GLN A 122 -2.65 -31.32 -2.88
N ASP A 123 -3.89 -31.20 -3.33
CA ASP A 123 -4.16 -31.01 -4.76
C ASP A 123 -4.24 -29.56 -5.20
N GLY A 124 -4.39 -28.61 -4.28
CA GLY A 124 -4.44 -27.21 -4.63
C GLY A 124 -5.69 -26.54 -4.11
N TRP A 125 -5.86 -25.28 -4.52
CA TRP A 125 -6.99 -24.46 -4.11
C TRP A 125 -7.86 -24.07 -5.29
N VAL A 126 -9.13 -23.83 -5.01
CA VAL A 126 -10.11 -23.33 -5.98
C VAL A 126 -10.44 -21.90 -5.60
N TYR A 127 -10.17 -20.96 -6.50
CA TYR A 127 -10.36 -19.54 -6.23
C TYR A 127 -11.61 -19.02 -6.93
N ASP A 128 -12.43 -18.30 -6.16
CA ASP A 128 -13.71 -17.78 -6.66
C ASP A 128 -13.51 -16.37 -7.20
N THR A 129 -13.06 -16.30 -8.45
CA THR A 129 -12.81 -15.01 -9.08
C THR A 129 -12.86 -15.14 -10.59
N PRO A 130 -13.36 -14.12 -11.31
CA PRO A 130 -13.25 -14.15 -12.77
C PRO A 130 -11.93 -13.65 -13.32
N GLY A 131 -11.13 -12.96 -12.52
CA GLY A 131 -9.83 -12.46 -12.95
C GLY A 131 -8.68 -13.28 -12.41
N SER A 132 -7.60 -12.60 -12.06
CA SER A 132 -6.43 -13.28 -11.51
C SER A 132 -5.58 -12.27 -10.76
N SER A 133 -4.74 -12.80 -9.87
CA SER A 133 -3.80 -12.00 -9.09
C SER A 133 -2.58 -12.85 -8.80
N ILE A 134 -1.52 -12.20 -8.32
CA ILE A 134 -0.31 -12.93 -7.95
C ILE A 134 -0.60 -13.95 -6.86
N VAL A 135 -1.56 -13.65 -5.98
CA VAL A 135 -1.93 -14.61 -4.93
C VAL A 135 -2.49 -15.88 -5.54
N THR A 136 -3.32 -15.76 -6.58
CA THR A 136 -3.99 -16.92 -7.16
C THR A 136 -3.07 -17.71 -8.07
N GLU A 137 -2.05 -17.07 -8.66
CA GLU A 137 -1.17 -17.73 -9.60
C GLU A 137 -0.02 -18.45 -8.91
N PHE A 138 0.59 -17.82 -7.91
CA PHE A 138 1.69 -18.42 -7.18
C PHE A 138 1.25 -19.15 -5.92
N ASN A 139 -0.05 -19.12 -5.60
CA ASN A 139 -0.65 -19.84 -4.47
C ASN A 139 -0.11 -19.35 -3.13
N LEU A 140 -0.18 -18.03 -2.93
CA LEU A 140 0.34 -17.38 -1.73
C LEU A 140 -0.67 -17.42 -0.58
N VAL A 141 -1.05 -18.64 -0.19
CA VAL A 141 -2.12 -18.85 0.78
C VAL A 141 -1.66 -19.85 1.85
N CYS A 142 -2.39 -19.86 2.96
CA CYS A 142 -2.11 -20.70 4.14
C CYS A 142 -0.70 -20.43 4.65
N ALA A 143 0.17 -21.44 4.76
CA ALA A 143 1.53 -21.25 5.25
C ALA A 143 2.41 -20.36 4.37
N ASP A 144 2.09 -20.20 3.09
CA ASP A 144 2.85 -19.30 2.23
C ASP A 144 2.35 -17.86 2.26
N SER A 145 1.31 -17.55 3.04
CA SER A 145 0.65 -16.26 2.97
C SER A 145 1.52 -15.11 3.47
N TRP A 146 2.62 -15.40 4.18
CA TRP A 146 3.54 -14.35 4.59
C TRP A 146 4.38 -13.79 3.44
N LYS A 147 4.46 -14.51 2.33
CA LYS A 147 5.30 -14.08 1.20
C LYS A 147 4.70 -12.91 0.42
N LEU A 148 3.41 -12.61 0.60
CA LEU A 148 2.84 -11.38 0.04
C LEU A 148 3.41 -10.13 0.69
N ASP A 149 3.83 -10.21 1.96
CA ASP A 149 4.39 -9.05 2.66
C ASP A 149 5.76 -8.68 2.11
N LEU A 150 6.47 -9.66 1.56
CA LEU A 150 7.81 -9.45 1.05
C LEU A 150 7.80 -8.74 -0.29
N PHE A 151 6.68 -8.77 -1.00
CA PHE A 151 6.56 -8.05 -2.26
C PHE A 151 6.64 -6.54 -2.03
N GLN A 152 5.98 -6.05 -0.97
CA GLN A 152 6.03 -4.63 -0.63
C GLN A 152 7.30 -4.28 0.16
N SER A 153 7.83 -5.25 0.92
CA SER A 153 9.07 -4.98 1.65
C SER A 153 10.27 -4.86 0.72
N CYS A 154 10.35 -5.69 -0.33
CA CYS A 154 11.44 -5.55 -1.29
C CYS A 154 11.43 -4.19 -1.96
N LEU A 155 10.23 -3.70 -2.32
CA LEU A 155 10.11 -2.37 -2.90
C LEU A 155 10.64 -1.30 -1.95
N ASN A 156 10.25 -1.37 -0.67
CA ASN A 156 10.68 -0.33 0.26
C ASN A 156 12.18 -0.41 0.57
N ALA A 157 12.74 -1.63 0.61
CA ALA A 157 14.19 -1.78 0.72
C ALA A 157 14.91 -1.18 -0.48
N GLY A 158 14.40 -1.42 -1.69
CA GLY A 158 14.95 -0.76 -2.86
C GLY A 158 14.89 0.75 -2.76
N PHE A 159 13.78 1.28 -2.25
CA PHE A 159 13.70 2.72 -2.00
C PHE A 159 14.82 3.18 -1.07
N LEU A 160 15.04 2.43 0.01
CA LEU A 160 16.05 2.80 0.99
C LEU A 160 17.45 2.87 0.38
N PHE A 161 17.86 1.80 -0.31
CA PHE A 161 19.16 1.82 -0.98
C PHE A 161 19.24 2.90 -2.08
N GLY A 162 18.17 3.07 -2.86
CA GLY A 162 18.16 4.12 -3.88
C GLY A 162 18.37 5.51 -3.31
N SER A 163 17.73 5.81 -2.18
CA SER A 163 17.81 7.16 -1.62
C SER A 163 19.25 7.53 -1.29
N LEU A 164 20.04 6.57 -0.86
CA LEU A 164 21.42 6.84 -0.49
C LEU A 164 22.35 6.79 -1.70
N GLY A 165 22.10 5.87 -2.63
CA GLY A 165 22.99 5.70 -3.77
C GLY A 165 22.80 6.60 -4.97
N VAL A 166 21.54 6.76 -5.42
CA VAL A 166 21.28 7.38 -6.71
C VAL A 166 21.66 8.86 -6.70
N GLY A 167 21.44 9.55 -5.59
CA GLY A 167 21.85 10.95 -5.51
C GLY A 167 23.35 11.16 -5.61
N TYR A 168 24.12 10.24 -5.03
CA TYR A 168 25.57 10.31 -5.14
C TYR A 168 26.05 9.94 -6.54
N PHE A 169 25.42 8.93 -7.15
CA PHE A 169 25.71 8.63 -8.55
C PHE A 169 25.39 9.81 -9.47
N ALA A 170 24.26 10.48 -9.25
CA ALA A 170 23.89 11.67 -10.01
C ALA A 170 24.82 12.85 -9.73
N ASP A 171 25.50 12.87 -8.59
CA ASP A 171 26.49 13.91 -8.35
C ASP A 171 27.83 13.57 -8.98
N ARG A 172 28.16 12.28 -9.07
CA ARG A 172 29.40 11.86 -9.71
C ARG A 172 29.28 11.84 -11.23
N PHE A 173 28.18 11.31 -11.76
CA PHE A 173 27.94 11.28 -13.19
C PHE A 173 27.18 12.53 -13.64
N GLY A 174 27.02 12.68 -14.95
CA GLY A 174 26.25 13.79 -15.47
C GLY A 174 24.76 13.69 -15.16
N ARG A 175 24.20 14.77 -14.63
CA ARG A 175 22.83 14.77 -14.11
C ARG A 175 21.80 14.36 -15.16
N LYS A 176 21.94 14.88 -16.39
CA LYS A 176 20.99 14.58 -17.45
C LYS A 176 21.11 13.14 -17.91
N LEU A 177 22.33 12.70 -18.21
CA LEU A 177 22.53 11.31 -18.62
C LEU A 177 22.10 10.35 -17.53
N CYS A 178 22.40 10.69 -16.27
CA CYS A 178 21.94 9.90 -15.13
C CYS A 178 20.42 9.75 -15.10
N LEU A 179 19.69 10.87 -15.16
CA LEU A 179 18.23 10.79 -15.16
C LEU A 179 17.71 10.01 -16.37
N LEU A 180 18.27 10.24 -17.56
CA LEU A 180 17.80 9.52 -18.74
C LEU A 180 18.02 8.02 -18.59
N GLY A 181 19.18 7.64 -18.05
CA GLY A 181 19.45 6.22 -17.83
C GLY A 181 18.51 5.60 -16.82
N THR A 182 18.25 6.29 -15.72
CA THR A 182 17.40 5.70 -14.69
C THR A 182 15.94 5.69 -15.10
N VAL A 183 15.55 6.53 -16.06
CA VAL A 183 14.18 6.47 -16.57
C VAL A 183 14.04 5.34 -17.58
N LEU A 184 15.05 5.15 -18.44
CA LEU A 184 15.04 4.00 -19.34
C LEU A 184 15.06 2.68 -18.57
N VAL A 185 15.88 2.60 -17.51
CA VAL A 185 15.90 1.40 -16.68
C VAL A 185 14.59 1.20 -15.93
N ASN A 186 13.95 2.29 -15.49
CA ASN A 186 12.67 2.13 -14.81
C ASN A 186 11.60 1.60 -15.75
N ALA A 187 11.53 2.14 -16.97
CA ALA A 187 10.56 1.67 -17.94
C ALA A 187 10.80 0.20 -18.29
N VAL A 188 12.05 -0.14 -18.65
CA VAL A 188 12.34 -1.51 -19.08
C VAL A 188 12.09 -2.50 -17.96
N SER A 189 12.45 -2.15 -16.72
CA SER A 189 12.21 -3.07 -15.61
C SER A 189 10.72 -3.23 -15.33
N GLY A 190 9.95 -2.15 -15.49
CA GLY A 190 8.51 -2.25 -15.30
C GLY A 190 7.81 -3.10 -16.35
N VAL A 191 8.27 -3.04 -17.59
CA VAL A 191 7.69 -3.87 -18.64
C VAL A 191 8.08 -5.34 -18.49
N LEU A 192 9.34 -5.63 -18.19
CA LEU A 192 9.78 -7.01 -18.02
C LEU A 192 9.10 -7.72 -16.87
N MET A 193 8.76 -7.01 -15.79
CA MET A 193 8.05 -7.63 -14.67
C MET A 193 6.73 -8.26 -15.09
N ALA A 194 6.04 -7.68 -16.06
CA ALA A 194 4.82 -8.29 -16.58
C ALA A 194 5.05 -9.67 -17.18
N PHE A 195 6.27 -9.95 -17.65
CA PHE A 195 6.62 -11.25 -18.20
C PHE A 195 7.39 -12.12 -17.21
N SER A 196 7.42 -11.76 -15.94
CA SER A 196 8.10 -12.54 -14.92
C SER A 196 7.64 -14.00 -14.93
N PRO A 197 8.56 -14.97 -15.02
CA PRO A 197 8.14 -16.38 -15.04
C PRO A 197 7.92 -16.99 -13.67
N ASN A 198 8.46 -16.39 -12.61
CA ASN A 198 8.32 -16.92 -11.26
C ASN A 198 8.38 -15.79 -10.25
N TYR A 199 8.12 -16.14 -8.99
CA TYR A 199 8.07 -15.13 -7.92
C TYR A 199 9.43 -14.53 -7.61
N MET A 200 10.51 -15.33 -7.70
CA MET A 200 11.85 -14.80 -7.46
C MET A 200 12.21 -13.69 -8.44
N SER A 201 11.98 -13.93 -9.74
CA SER A 201 12.29 -12.93 -10.74
C SER A 201 11.44 -11.69 -10.56
N MET A 202 10.16 -11.87 -10.24
CA MET A 202 9.32 -10.72 -9.92
C MET A 202 9.85 -9.93 -8.73
N LEU A 203 10.47 -10.60 -7.74
CA LEU A 203 11.00 -9.85 -6.61
C LEU A 203 12.30 -9.13 -6.97
N LEU A 204 13.04 -9.65 -7.94
CA LEU A 204 14.25 -8.95 -8.36
C LEU A 204 13.92 -7.75 -9.23
N PHE A 205 12.90 -7.87 -10.08
CA PHE A 205 12.44 -6.71 -10.84
C PHE A 205 11.79 -5.67 -9.93
N ARG A 206 11.07 -6.11 -8.88
CA ARG A 206 10.51 -5.16 -7.93
C ARG A 206 11.58 -4.42 -7.14
N LEU A 207 12.71 -5.09 -6.85
CA LEU A 207 13.82 -4.40 -6.19
C LEU A 207 14.52 -3.43 -7.13
N LEU A 208 14.77 -3.85 -8.37
CA LEU A 208 15.46 -2.99 -9.33
C LEU A 208 14.60 -1.80 -9.74
N GLN A 209 13.27 -1.95 -9.74
CA GLN A 209 12.38 -0.82 -9.96
C GLN A 209 12.35 0.13 -8.76
N GLY A 210 12.32 -0.43 -7.54
CA GLY A 210 12.41 0.40 -6.35
C GLY A 210 13.66 1.26 -6.32
N LEU A 211 14.80 0.69 -6.71
CA LEU A 211 16.06 1.44 -6.69
C LEU A 211 15.99 2.75 -7.46
N VAL A 212 15.24 2.80 -8.56
CA VAL A 212 15.22 3.97 -9.45
C VAL A 212 13.99 4.86 -9.34
N SER A 213 12.83 4.28 -9.00
CA SER A 213 11.59 5.05 -9.00
C SER A 213 11.66 6.31 -8.13
N LYS A 214 12.08 6.16 -6.87
CA LYS A 214 12.01 7.30 -5.96
C LYS A 214 13.07 8.33 -6.29
N GLY A 215 14.23 7.89 -6.79
CA GLY A 215 15.22 8.85 -7.25
C GLY A 215 14.71 9.68 -8.40
N ASN A 216 14.08 9.03 -9.39
CA ASN A 216 13.47 9.77 -10.50
C ASN A 216 12.46 10.79 -9.99
N TRP A 217 11.57 10.37 -9.08
CA TRP A 217 10.52 11.27 -8.59
C TRP A 217 11.12 12.47 -7.87
N MET A 218 12.16 12.24 -7.04
CA MET A 218 12.77 13.35 -6.32
C MET A 218 13.56 14.26 -7.26
N ALA A 219 14.20 13.69 -8.28
CA ALA A 219 14.90 14.48 -9.27
C ALA A 219 13.95 15.41 -10.02
N GLY A 220 12.84 14.85 -10.51
CA GLY A 220 11.84 15.69 -11.14
C GLY A 220 11.32 16.79 -10.23
N TYR A 221 11.07 16.46 -8.96
CA TYR A 221 10.61 17.49 -8.02
C TYR A 221 11.67 18.58 -7.87
N THR A 222 12.93 18.19 -7.74
CA THR A 222 14.03 19.14 -7.62
C THR A 222 14.07 20.09 -8.82
N LEU A 223 14.13 19.53 -10.03
CA LEU A 223 14.13 20.35 -11.25
C LEU A 223 12.93 21.27 -11.33
N ILE A 224 11.74 20.80 -10.96
CA ILE A 224 10.55 21.62 -11.10
C ILE A 224 10.55 22.77 -10.10
N THR A 225 11.05 22.55 -8.88
CA THR A 225 11.08 23.64 -7.92
C THR A 225 12.32 24.53 -8.07
N GLU A 226 13.35 24.05 -8.77
CA GLU A 226 14.55 24.83 -9.03
C GLU A 226 14.35 25.78 -10.20
N PHE A 227 13.78 25.27 -11.30
CA PHE A 227 13.46 26.13 -12.44
C PHE A 227 12.44 27.19 -12.06
N VAL A 228 11.43 26.83 -11.29
CA VAL A 228 10.41 27.79 -10.90
C VAL A 228 10.93 28.67 -9.76
N GLY A 229 10.50 29.93 -9.76
CA GLY A 229 10.96 30.88 -8.76
C GLY A 229 10.27 30.73 -7.42
N SER A 230 10.85 31.40 -6.42
CA SER A 230 10.39 31.28 -5.04
C SER A 230 8.97 31.81 -4.86
N GLY A 231 8.48 32.63 -5.79
CA GLY A 231 7.13 33.16 -5.69
C GLY A 231 6.04 32.15 -5.97
N SER A 232 6.38 31.05 -6.63
CA SER A 232 5.40 30.04 -7.04
C SER A 232 5.79 28.64 -6.62
N ARG A 233 6.89 28.47 -5.88
CA ARG A 233 7.38 27.15 -5.51
C ARG A 233 6.32 26.33 -4.79
N ARG A 234 5.67 26.93 -3.78
CA ARG A 234 4.60 26.23 -3.06
C ARG A 234 3.45 25.84 -3.97
N THR A 235 3.11 26.71 -4.93
CA THR A 235 1.99 26.40 -5.81
C THR A 235 2.33 25.25 -6.76
N VAL A 236 3.56 25.23 -7.26
CA VAL A 236 3.94 24.16 -8.18
C VAL A 236 4.11 22.86 -7.41
N ALA A 237 4.54 22.95 -6.15
CA ALA A 237 4.59 21.76 -5.28
C ALA A 237 3.21 21.18 -5.05
N ILE A 238 2.21 22.04 -4.84
CA ILE A 238 0.86 21.54 -4.64
C ILE A 238 0.27 20.98 -5.94
N MET A 239 0.65 21.54 -7.09
CA MET A 239 0.22 20.93 -8.35
C MET A 239 0.91 19.60 -8.58
N TYR A 240 2.12 19.46 -8.03
CA TYR A 240 2.89 18.24 -8.19
C TYR A 240 2.30 17.13 -7.34
N GLN A 241 1.81 17.49 -6.15
CA GLN A 241 1.12 16.53 -5.30
C GLN A 241 -0.27 16.18 -5.83
N MET A 242 -0.97 17.13 -6.46
CA MET A 242 -2.27 16.83 -7.06
C MET A 242 -2.14 15.93 -8.29
N ALA A 243 -1.01 15.98 -9.00
CA ALA A 243 -0.82 15.03 -10.09
C ALA A 243 -0.72 13.60 -9.60
N PHE A 244 -0.31 13.39 -8.35
CA PHE A 244 -0.33 12.05 -7.77
C PHE A 244 -1.77 11.57 -7.58
N THR A 245 -2.67 12.46 -7.16
CA THR A 245 -4.07 12.10 -7.00
C THR A 245 -4.70 11.76 -8.35
N VAL A 246 -4.38 12.54 -9.39
CA VAL A 246 -4.85 12.21 -10.73
C VAL A 246 -4.33 10.84 -11.16
N GLY A 247 -3.09 10.52 -10.82
CA GLY A 247 -2.56 9.19 -11.10
C GLY A 247 -3.31 8.09 -10.37
N LEU A 248 -3.72 8.35 -9.12
CA LEU A 248 -4.51 7.38 -8.38
C LEU A 248 -5.88 7.16 -9.00
N VAL A 249 -6.49 8.22 -9.55
CA VAL A 249 -7.80 8.05 -10.17
C VAL A 249 -7.69 7.30 -11.50
N ALA A 250 -6.59 7.52 -12.22
CA ALA A 250 -6.38 6.75 -13.45
C ALA A 250 -6.15 5.28 -13.13
N LEU A 251 -5.29 4.99 -12.14
CA LEU A 251 -5.11 3.62 -11.66
C LEU A 251 -6.45 2.98 -11.32
N THR A 252 -7.28 3.69 -10.55
CA THR A 252 -8.61 3.17 -10.20
C THR A 252 -9.43 2.81 -11.42
N GLY A 253 -9.32 3.59 -12.50
CA GLY A 253 -10.12 3.30 -13.68
C GLY A 253 -9.60 2.15 -14.52
N LEU A 254 -8.27 2.08 -14.66
CA LEU A 254 -7.66 0.97 -15.39
C LEU A 254 -7.83 -0.35 -14.65
N ALA A 255 -7.65 -0.36 -13.33
CA ALA A 255 -7.87 -1.57 -12.55
C ALA A 255 -9.28 -2.09 -12.70
N TYR A 256 -10.22 -1.24 -13.13
CA TYR A 256 -11.60 -1.63 -13.35
C TYR A 256 -11.81 -2.18 -14.75
N ALA A 257 -11.19 -1.55 -15.76
CA ALA A 257 -11.40 -2.04 -17.12
C ALA A 257 -10.53 -3.25 -17.47
N LEU A 258 -9.35 -3.38 -16.85
CA LEU A 258 -8.43 -4.50 -17.07
C LEU A 258 -8.42 -5.49 -15.90
N PRO A 259 -9.21 -6.56 -15.96
CA PRO A 259 -9.34 -7.47 -14.80
C PRO A 259 -8.19 -8.43 -14.58
N HIS A 260 -7.12 -8.43 -15.38
CA HIS A 260 -6.01 -9.35 -15.20
C HIS A 260 -4.73 -8.59 -14.86
N TRP A 261 -3.93 -9.14 -13.94
CA TRP A 261 -2.80 -8.42 -13.39
C TRP A 261 -1.71 -8.13 -14.42
N ARG A 262 -1.44 -9.06 -15.33
CA ARG A 262 -0.42 -8.82 -16.34
C ARG A 262 -0.85 -7.72 -17.32
N TRP A 263 -2.15 -7.68 -17.64
CA TRP A 263 -2.69 -6.62 -18.49
C TRP A 263 -2.58 -5.26 -17.81
N LEU A 264 -2.85 -5.20 -16.50
CA LEU A 264 -2.74 -3.94 -15.80
C LEU A 264 -1.28 -3.53 -15.64
N GLN A 265 -0.36 -4.49 -15.52
CA GLN A 265 1.05 -4.15 -15.41
C GLN A 265 1.59 -3.59 -16.71
N LEU A 266 1.12 -4.14 -17.84
CA LEU A 266 1.49 -3.57 -19.14
C LEU A 266 0.91 -2.18 -19.29
N ALA A 267 -0.40 -2.02 -19.05
CA ALA A 267 -1.04 -0.73 -19.23
C ALA A 267 -0.38 0.34 -18.37
N VAL A 268 -0.06 0.00 -17.11
CA VAL A 268 0.60 0.94 -16.22
C VAL A 268 2.03 1.25 -16.67
N SER A 269 2.70 0.30 -17.33
CA SER A 269 4.11 0.53 -17.66
C SER A 269 4.33 1.29 -18.96
N LEU A 270 3.56 1.00 -20.01
CA LEU A 270 3.79 1.61 -21.32
C LEU A 270 3.85 3.14 -21.35
N PRO A 271 3.03 3.90 -20.60
CA PRO A 271 3.17 5.37 -20.63
C PRO A 271 4.57 5.90 -20.35
N THR A 272 5.36 5.22 -19.52
CA THR A 272 6.71 5.69 -19.20
C THR A 272 7.60 5.72 -20.44
N PHE A 273 7.41 4.79 -21.39
CA PHE A 273 8.17 4.86 -22.64
C PHE A 273 7.88 6.12 -23.45
N LEU A 274 6.73 6.76 -23.24
CA LEU A 274 6.40 7.94 -24.03
C LEU A 274 7.14 9.18 -23.56
N PHE A 275 7.62 9.19 -22.32
CA PHE A 275 8.48 10.28 -21.86
C PHE A 275 9.82 10.26 -22.61
N LEU A 276 10.40 9.08 -22.77
CA LEU A 276 11.61 8.94 -23.59
C LEU A 276 11.36 9.36 -25.03
N LEU A 277 10.17 9.09 -25.55
CA LEU A 277 9.85 9.43 -26.93
C LEU A 277 9.65 10.94 -27.11
N TYR A 278 9.11 11.62 -26.10
CA TYR A 278 9.04 13.08 -26.15
C TYR A 278 10.42 13.70 -26.33
N TYR A 279 11.41 13.22 -25.59
CA TYR A 279 12.80 13.57 -25.84
C TYR A 279 13.43 12.63 -26.86
N SER A 331 31.55 22.29 3.57
CA SER A 331 30.72 21.14 3.22
C SER A 331 30.01 20.60 4.45
N PRO A 332 28.87 19.95 4.25
CA PRO A 332 28.13 19.37 5.38
C PRO A 332 28.78 18.08 5.87
N SER A 333 28.40 17.69 7.09
CA SER A 333 28.88 16.45 7.66
C SER A 333 27.81 15.88 8.59
N PHE A 334 27.72 14.55 8.61
CA PHE A 334 26.65 13.85 9.33
C PHE A 334 26.63 14.22 10.81
N ALA A 335 27.80 14.48 11.39
CA ALA A 335 27.91 14.71 12.83
C ALA A 335 27.14 15.94 13.29
N ASP A 336 26.90 16.91 12.40
CA ASP A 336 26.35 18.20 12.83
C ASP A 336 24.93 18.07 13.37
N LEU A 337 24.12 17.17 12.79
CA LEU A 337 22.71 17.07 13.15
C LEU A 337 22.48 16.68 14.60
N PHE A 338 23.51 16.21 15.31
CA PHE A 338 23.38 15.74 16.68
C PHE A 338 24.28 16.50 17.65
N ARG A 339 25.05 17.47 17.17
CA ARG A 339 26.10 18.10 17.96
C ARG A 339 25.54 19.00 19.06
N THR A 340 24.32 19.50 18.91
CA THR A 340 23.72 20.38 19.89
C THR A 340 22.35 19.86 20.29
N PRO A 341 22.00 19.91 21.57
CA PRO A 341 20.75 19.28 22.03
C PRO A 341 19.48 19.85 21.40
N ARG A 342 19.45 21.14 21.06
CA ARG A 342 18.29 21.69 20.37
C ARG A 342 18.13 21.09 18.97
N LEU A 343 19.22 21.06 18.20
CA LEU A 343 19.19 20.44 16.88
C LEU A 343 18.97 18.94 16.96
N ARG A 344 19.48 18.29 18.00
CA ARG A 344 19.14 16.89 18.25
C ARG A 344 17.63 16.73 18.47
N LYS A 345 17.06 17.51 19.37
CA LYS A 345 15.63 17.45 19.66
C LYS A 345 14.79 17.59 18.40
N ARG A 346 15.05 18.66 17.64
CA ARG A 346 14.38 18.87 16.36
C ARG A 346 14.55 17.70 15.41
N THR A 347 15.77 17.19 15.27
CA THR A 347 16.02 16.07 14.37
C THR A 347 15.22 14.82 14.77
N PHE A 348 15.28 14.44 16.05
CA PHE A 348 14.55 13.25 16.50
C PHE A 348 13.03 13.42 16.40
N ILE A 349 12.51 14.62 16.65
CA ILE A 349 11.08 14.84 16.45
C ILE A 349 10.70 14.76 14.96
N LEU A 350 11.48 15.37 14.08
CA LEU A 350 11.16 15.29 12.66
C LEU A 350 11.28 13.86 12.11
N MET A 351 12.30 13.11 12.55
CA MET A 351 12.38 11.68 12.25
C MET A 351 11.14 10.93 12.71
N TYR A 352 10.67 11.22 13.92
CA TYR A 352 9.50 10.51 14.45
C TYR A 352 8.23 10.84 13.70
N LEU A 353 8.04 12.11 13.35
CA LEU A 353 6.86 12.49 12.56
C LEU A 353 6.88 11.94 11.14
N TRP A 354 8.04 11.97 10.46
CA TRP A 354 8.15 11.30 9.16
C TRP A 354 7.85 9.81 9.23
N PHE A 355 8.39 9.13 10.25
CA PHE A 355 8.07 7.72 10.49
C PHE A 355 6.57 7.51 10.68
N THR A 356 5.98 8.24 11.63
CA THR A 356 4.57 8.06 11.97
C THR A 356 3.67 8.30 10.76
N ASP A 357 3.86 9.42 10.06
CA ASP A 357 2.99 9.72 8.93
C ASP A 357 3.15 8.73 7.79
N SER A 358 4.37 8.25 7.53
CA SER A 358 4.54 7.19 6.53
C SER A 358 3.80 5.92 6.92
N VAL A 359 4.00 5.47 8.17
CA VAL A 359 3.34 4.26 8.65
C VAL A 359 1.82 4.38 8.58
N LEU A 360 1.27 5.53 8.97
CA LEU A 360 -0.18 5.69 8.94
C LEU A 360 -0.72 5.75 7.52
N TYR A 361 -0.05 6.49 6.63
CA TYR A 361 -0.54 6.63 5.27
C TYR A 361 -0.56 5.28 4.55
N GLN A 362 0.52 4.50 4.65
CA GLN A 362 0.51 3.19 4.02
C GLN A 362 -0.44 2.20 4.74
N GLY A 363 -0.46 2.25 6.07
CA GLY A 363 -1.31 1.34 6.83
C GLY A 363 -2.80 1.48 6.57
N LEU A 364 -3.28 2.70 6.44
CA LEU A 364 -4.72 2.87 6.19
C LEU A 364 -5.11 2.40 4.79
N ILE A 365 -4.24 2.61 3.80
CA ILE A 365 -4.56 2.12 2.46
C ILE A 365 -4.52 0.60 2.40
N LEU A 366 -3.51 -0.02 3.03
CA LEU A 366 -3.46 -1.48 3.06
C LEU A 366 -4.63 -2.09 3.84
N HIS A 367 -5.01 -1.48 4.96
CA HIS A 367 -6.18 -1.94 5.71
C HIS A 367 -7.47 -1.80 4.91
N MET A 368 -7.65 -0.70 4.19
CA MET A 368 -8.83 -0.56 3.36
C MET A 368 -8.86 -1.59 2.23
N GLY A 369 -7.72 -1.80 1.58
CA GLY A 369 -7.68 -2.81 0.53
C GLY A 369 -7.97 -4.20 1.06
N ALA A 370 -7.42 -4.53 2.24
CA ALA A 370 -7.64 -5.85 2.83
C ALA A 370 -9.08 -6.06 3.30
N THR A 371 -9.79 -5.00 3.67
CA THR A 371 -11.06 -5.18 4.38
C THR A 371 -12.31 -4.63 3.69
N SER A 372 -12.19 -3.73 2.71
CA SER A 372 -13.38 -3.17 2.10
C SER A 372 -14.16 -4.20 1.30
N GLY A 373 -15.48 -4.06 1.31
CA GLY A 373 -16.39 -4.87 0.53
C GLY A 373 -16.73 -4.36 -0.85
N ASN A 374 -16.47 -3.07 -1.11
CA ASN A 374 -16.55 -2.47 -2.45
C ASN A 374 -15.33 -1.58 -2.61
N LEU A 375 -14.20 -2.22 -2.97
CA LEU A 375 -12.92 -1.53 -3.03
C LEU A 375 -12.87 -0.43 -4.09
N TYR A 376 -13.59 -0.59 -5.20
CA TYR A 376 -13.51 0.39 -6.28
C TYR A 376 -14.08 1.75 -5.88
N LEU A 377 -15.32 1.79 -5.40
CA LEU A 377 -15.90 3.06 -4.99
C LEU A 377 -15.31 3.59 -3.70
N ASP A 378 -14.91 2.72 -2.78
CA ASP A 378 -14.23 3.19 -1.57
C ASP A 378 -12.89 3.82 -1.89
N PHE A 379 -12.16 3.26 -2.88
CA PHE A 379 -10.89 3.83 -3.29
C PHE A 379 -11.10 5.12 -4.06
N LEU A 380 -12.19 5.22 -4.83
CA LEU A 380 -12.46 6.43 -5.57
C LEU A 380 -12.81 7.57 -4.62
N TYR A 381 -13.76 7.34 -3.71
CA TYR A 381 -14.13 8.39 -2.76
C TYR A 381 -12.97 8.76 -1.86
N SER A 382 -12.14 7.79 -1.48
CA SER A 382 -10.99 8.09 -0.64
C SER A 382 -9.96 8.95 -1.36
N ALA A 383 -9.78 8.72 -2.67
CA ALA A 383 -8.81 9.51 -3.42
C ALA A 383 -9.26 10.96 -3.62
N LEU A 384 -10.51 11.17 -4.02
CA LEU A 384 -10.99 12.53 -4.30
C LEU A 384 -10.88 13.47 -3.11
N VAL A 385 -10.98 12.96 -1.88
CA VAL A 385 -10.88 13.78 -0.68
C VAL A 385 -9.52 14.46 -0.51
N GLU A 386 -8.47 13.97 -1.19
CA GLU A 386 -7.19 14.64 -1.18
C GLU A 386 -7.16 16.01 -1.87
N ILE A 387 -8.20 16.38 -2.62
CA ILE A 387 -8.23 17.69 -3.27
C ILE A 387 -8.61 18.79 -2.28
N PRO A 388 -9.74 18.67 -1.56
CA PRO A 388 -9.98 19.63 -0.48
C PRO A 388 -8.88 19.64 0.55
N GLY A 389 -8.25 18.50 0.83
CA GLY A 389 -7.15 18.50 1.78
C GLY A 389 -6.02 19.42 1.33
N ALA A 390 -5.70 19.40 0.04
CA ALA A 390 -4.67 20.27 -0.49
C ALA A 390 -5.07 21.73 -0.42
N PHE A 391 -6.29 22.07 -0.85
CA PHE A 391 -6.68 23.48 -0.79
C PHE A 391 -6.77 23.99 0.65
N ILE A 392 -7.24 23.16 1.58
CA ILE A 392 -7.29 23.55 2.98
C ILE A 392 -5.88 23.77 3.53
N ALA A 393 -4.94 22.92 3.15
CA ALA A 393 -3.57 23.10 3.63
C ALA A 393 -2.99 24.40 3.08
N LEU A 394 -3.16 24.63 1.77
CA LEU A 394 -2.67 25.86 1.15
C LEU A 394 -3.22 27.10 1.85
N ILE A 395 -4.51 27.12 2.13
CA ILE A 395 -5.09 28.32 2.77
C ILE A 395 -4.63 28.43 4.22
N THR A 396 -4.58 27.30 4.95
CA THR A 396 -4.22 27.31 6.36
C THR A 396 -2.80 27.80 6.57
N ILE A 397 -1.89 27.42 5.68
CA ILE A 397 -0.51 27.91 5.74
C ILE A 397 -0.47 29.43 5.75
N ASP A 398 -1.32 30.08 4.97
CA ASP A 398 -1.31 31.54 4.90
C ASP A 398 -1.98 32.19 6.11
N ARG A 399 -3.10 31.63 6.58
CA ARG A 399 -3.89 32.31 7.60
C ARG A 399 -3.43 32.02 9.02
N VAL A 400 -2.90 30.82 9.29
CA VAL A 400 -2.77 30.35 10.67
C VAL A 400 -1.31 30.18 11.05
N GLY A 401 -0.67 29.15 10.51
CA GLY A 401 0.59 28.69 11.07
C GLY A 401 0.86 27.24 10.69
N ARG A 402 1.64 26.56 11.53
CA ARG A 402 2.04 25.18 11.25
C ARG A 402 1.99 24.22 12.43
N ILE A 403 2.23 24.68 13.67
CA ILE A 403 2.24 23.76 14.80
C ILE A 403 0.84 23.24 15.13
N TYR A 404 -0.08 24.14 15.42
CA TYR A 404 -1.46 23.74 15.74
C TYR A 404 -2.24 23.11 14.59
N PRO A 405 -2.15 23.61 13.36
CA PRO A 405 -2.75 22.85 12.24
C PRO A 405 -2.25 21.43 12.09
N MET A 406 -0.96 21.18 12.31
CA MET A 406 -0.44 19.82 12.17
C MET A 406 -0.75 18.95 13.38
N ALA A 407 -0.78 19.54 14.58
CA ALA A 407 -1.27 18.80 15.74
C ALA A 407 -2.72 18.39 15.55
N MET A 408 -3.58 19.32 15.12
CA MET A 408 -4.98 19.00 14.89
C MET A 408 -5.17 17.95 13.80
N SER A 409 -4.39 18.02 12.72
CA SER A 409 -4.50 17.01 11.67
C SER A 409 -3.95 15.64 12.08
N ASN A 410 -2.98 15.58 12.99
CA ASN A 410 -2.57 14.30 13.56
C ASN A 410 -3.63 13.73 14.50
N LEU A 411 -4.10 14.55 15.43
CA LEU A 411 -5.15 14.16 16.36
C LEU A 411 -6.41 13.68 15.64
N LEU A 412 -6.77 14.31 14.52
CA LEU A 412 -7.97 13.89 13.79
C LEU A 412 -7.84 12.49 13.20
N ALA A 413 -6.67 12.15 12.66
CA ALA A 413 -6.48 10.79 12.15
C ALA A 413 -6.36 9.77 13.28
N GLY A 414 -5.76 10.16 14.41
CA GLY A 414 -5.74 9.27 15.56
C GLY A 414 -7.14 8.98 16.09
N ALA A 415 -7.97 10.01 16.20
CA ALA A 415 -9.33 9.83 16.71
C ALA A 415 -10.19 9.06 15.72
N ALA A 416 -10.00 9.27 14.42
CA ALA A 416 -10.72 8.47 13.44
C ALA A 416 -10.34 7.00 13.51
N CYS A 417 -9.05 6.71 13.66
CA CYS A 417 -8.63 5.32 13.86
C CYS A 417 -9.23 4.71 15.13
N LEU A 418 -9.31 5.51 16.19
CA LEU A 418 -9.91 5.03 17.44
C LEU A 418 -11.40 4.71 17.30
N VAL A 419 -12.17 5.61 16.69
CA VAL A 419 -13.61 5.38 16.49
C VAL A 419 -13.87 4.16 15.62
N MET A 420 -13.03 3.94 14.60
CA MET A 420 -13.22 2.79 13.72
C MET A 420 -13.18 1.44 14.44
N ILE A 421 -12.61 1.38 15.64
CA ILE A 421 -12.61 0.11 16.37
C ILE A 421 -14.02 -0.27 16.82
N PHE A 422 -14.87 0.72 17.10
CA PHE A 422 -16.15 0.50 17.74
C PHE A 422 -17.34 0.51 16.78
N ILE A 423 -17.15 0.95 15.54
CA ILE A 423 -18.26 1.03 14.59
C ILE A 423 -18.74 -0.37 14.24
N SER A 424 -20.06 -0.56 14.29
CA SER A 424 -20.64 -1.84 13.92
C SER A 424 -20.41 -2.12 12.44
N PRO A 425 -20.13 -3.38 12.08
CA PRO A 425 -19.65 -3.68 10.71
C PRO A 425 -20.66 -3.41 9.62
N ASP A 426 -21.94 -3.26 9.95
CA ASP A 426 -22.96 -2.90 8.98
C ASP A 426 -23.10 -1.39 8.76
N LEU A 427 -22.52 -0.57 9.62
CA LEU A 427 -22.57 0.88 9.43
C LEU A 427 -21.50 1.34 8.43
N HIS A 428 -21.45 0.65 7.29
CA HIS A 428 -20.51 0.99 6.21
C HIS A 428 -20.61 2.45 5.79
N TRP A 429 -21.84 2.99 5.74
CA TRP A 429 -22.03 4.38 5.37
C TRP A 429 -21.41 5.36 6.36
N LEU A 430 -21.20 4.95 7.60
CA LEU A 430 -20.42 5.75 8.53
C LEU A 430 -18.93 5.43 8.42
N ASN A 431 -18.62 4.16 8.20
CA ASN A 431 -17.24 3.70 8.14
C ASN A 431 -16.46 4.42 7.04
N ILE A 432 -17.08 4.60 5.87
CA ILE A 432 -16.40 5.34 4.80
C ILE A 432 -16.23 6.81 5.17
N ILE A 433 -17.18 7.41 5.89
CA ILE A 433 -17.04 8.80 6.27
C ILE A 433 -15.84 8.98 7.18
N ILE A 434 -15.72 8.11 8.19
CA ILE A 434 -14.59 8.19 9.11
C ILE A 434 -13.27 7.87 8.40
N MET A 435 -13.29 6.97 7.41
CA MET A 435 -12.08 6.70 6.64
C MET A 435 -11.65 7.91 5.82
N CYS A 436 -12.62 8.62 5.24
CA CYS A 436 -12.28 9.83 4.48
C CYS A 436 -11.79 10.95 5.39
N VAL A 437 -12.31 11.04 6.61
CA VAL A 437 -11.85 12.07 7.52
C VAL A 437 -10.42 11.79 7.98
N GLY A 438 -10.09 10.52 8.23
CA GLY A 438 -8.70 10.18 8.52
C GLY A 438 -7.77 10.43 7.35
N ARG A 439 -8.23 10.10 6.14
CA ARG A 439 -7.41 10.34 4.95
C ARG A 439 -7.09 11.84 4.80
N MET A 440 -8.13 12.68 4.86
CA MET A 440 -7.90 14.12 4.75
C MET A 440 -6.96 14.63 5.84
N GLY A 441 -7.10 14.10 7.06
CA GLY A 441 -6.19 14.48 8.13
C GLY A 441 -4.73 14.18 7.81
N ILE A 442 -4.46 12.94 7.39
CA ILE A 442 -3.06 12.59 7.12
C ILE A 442 -2.54 13.31 5.89
N THR A 443 -3.40 13.62 4.92
CA THR A 443 -2.99 14.40 3.77
C THR A 443 -2.55 15.81 4.18
N ILE A 444 -3.36 16.48 4.99
CA ILE A 444 -2.99 17.82 5.46
C ILE A 444 -1.70 17.78 6.28
N ALA A 445 -1.53 16.75 7.10
CA ALA A 445 -0.31 16.66 7.92
C ALA A 445 0.93 16.42 7.05
N ILE A 446 0.84 15.54 6.06
CA ILE A 446 1.96 15.32 5.14
C ILE A 446 2.30 16.59 4.38
N GLN A 447 1.28 17.34 3.93
CA GLN A 447 1.58 18.60 3.26
C GLN A 447 2.27 19.59 4.19
N MET A 448 1.86 19.63 5.46
CA MET A 448 2.47 20.57 6.42
C MET A 448 3.93 20.23 6.69
N ILE A 449 4.23 18.94 6.92
CA ILE A 449 5.59 18.57 7.30
C ILE A 449 6.59 18.84 6.17
N CYS A 450 6.15 18.82 4.90
CA CYS A 450 7.05 19.15 3.81
C CYS A 450 7.55 20.60 3.90
N LEU A 451 6.74 21.49 4.47
CA LEU A 451 7.22 22.85 4.77
C LEU A 451 8.04 22.89 6.05
N VAL A 452 7.52 22.30 7.13
CA VAL A 452 8.18 22.39 8.43
C VAL A 452 9.58 21.79 8.38
N ASN A 453 9.75 20.71 7.62
CA ASN A 453 11.07 20.09 7.46
C ASN A 453 12.10 20.99 6.80
N ALA A 454 11.66 21.96 5.99
CA ALA A 454 12.62 22.83 5.30
C ALA A 454 13.18 23.93 6.19
N GLU A 455 12.32 24.68 6.89
CA GLU A 455 12.78 25.87 7.60
C GLU A 455 13.45 25.57 8.93
N LEU A 456 13.25 24.38 9.50
CA LEU A 456 13.97 24.02 10.72
C LEU A 456 15.45 23.70 10.48
N TYR A 457 15.88 23.51 9.23
CA TYR A 457 17.30 23.31 8.98
C TYR A 457 17.88 24.47 8.16
N PRO A 458 19.08 24.92 8.49
CA PRO A 458 19.75 25.92 7.65
C PRO A 458 20.25 25.32 6.34
N THR A 459 20.40 26.21 5.35
CA THR A 459 20.72 25.80 3.98
C THR A 459 22.04 25.04 3.90
N PHE A 460 22.97 25.29 4.82
CA PHE A 460 24.23 24.56 4.84
C PHE A 460 24.03 23.06 5.07
N VAL A 461 23.02 22.68 5.84
CA VAL A 461 22.79 21.27 6.14
C VAL A 461 21.51 20.73 5.55
N ARG A 462 20.60 21.59 5.08
CA ARG A 462 19.27 21.17 4.65
C ARG A 462 19.33 20.07 3.60
N ASN A 463 20.27 20.14 2.67
CA ASN A 463 20.38 19.13 1.62
C ASN A 463 20.68 17.75 2.21
N LEU A 464 21.42 17.69 3.31
CA LEU A 464 21.68 16.43 3.98
C LEU A 464 20.55 16.06 4.95
N GLY A 465 20.14 17.05 5.77
CA GLY A 465 19.14 16.79 6.79
C GLY A 465 17.80 16.31 6.24
N VAL A 466 17.40 16.81 5.07
CA VAL A 466 16.21 16.29 4.40
C VAL A 466 16.37 14.82 4.03
N MET A 467 17.55 14.44 3.53
CA MET A 467 17.80 13.03 3.22
C MET A 467 17.76 12.17 4.48
N VAL A 468 18.36 12.64 5.57
CA VAL A 468 18.45 11.88 6.80
C VAL A 468 17.06 11.60 7.38
N CYS A 469 16.31 12.67 7.68
CA CYS A 469 15.00 12.54 8.29
C CYS A 469 13.98 11.83 7.40
N SER A 470 14.01 12.07 6.09
CA SER A 470 13.06 11.41 5.21
C SER A 470 13.34 9.92 5.01
N SER A 471 14.58 9.46 5.24
CA SER A 471 14.87 8.04 5.13
C SER A 471 14.10 7.17 6.11
N LEU A 472 13.61 7.74 7.22
CA LEU A 472 12.76 6.97 8.14
C LEU A 472 11.47 6.50 7.49
N CYS A 473 10.98 7.24 6.48
CA CYS A 473 9.84 6.79 5.69
C CYS A 473 10.07 5.40 5.10
N ASP A 474 11.32 5.08 4.76
CA ASP A 474 11.58 3.80 4.11
C ASP A 474 11.60 2.65 5.10
N ILE A 475 12.13 2.86 6.31
CA ILE A 475 12.07 1.80 7.30
C ILE A 475 10.64 1.62 7.78
N GLY A 476 9.87 2.70 7.86
CA GLY A 476 8.45 2.55 8.15
C GLY A 476 7.72 1.76 7.10
N GLY A 477 8.05 1.98 5.83
CA GLY A 477 7.43 1.21 4.76
C GLY A 477 7.87 -0.24 4.73
N ILE A 478 9.09 -0.52 5.17
CA ILE A 478 9.55 -1.91 5.28
C ILE A 478 8.79 -2.63 6.40
N ILE A 479 8.59 -1.97 7.53
CA ILE A 479 7.96 -2.63 8.68
C ILE A 479 6.44 -2.74 8.53
N THR A 480 5.80 -1.75 7.93
CA THR A 480 4.33 -1.70 7.88
C THR A 480 3.61 -2.94 7.35
N PRO A 481 4.05 -3.60 6.26
CA PRO A 481 3.26 -4.74 5.74
C PRO A 481 3.11 -5.91 6.71
N PHE A 482 4.14 -6.22 7.49
CA PHE A 482 4.06 -7.30 8.46
C PHE A 482 3.13 -6.98 9.63
N ILE A 483 3.04 -5.70 10.01
CA ILE A 483 2.06 -5.31 11.02
C ILE A 483 0.64 -5.53 10.52
N VAL A 484 0.32 -4.96 9.35
CA VAL A 484 -1.05 -5.07 8.83
C VAL A 484 -1.44 -6.52 8.57
N PHE A 485 -0.55 -7.30 7.96
CA PHE A 485 -0.97 -8.65 7.56
C PHE A 485 -0.77 -9.73 8.63
N ARG A 486 0.33 -9.70 9.39
CA ARG A 486 0.51 -10.73 10.41
C ARG A 486 -0.30 -10.44 11.67
N LEU A 487 -0.17 -9.22 12.20
CA LEU A 487 -0.73 -8.90 13.51
C LEU A 487 -2.24 -8.97 13.51
N ARG A 488 -2.86 -8.69 12.36
CA ARG A 488 -4.31 -8.88 12.18
C ARG A 488 -4.75 -10.30 12.49
N GLU A 489 -3.89 -11.30 12.29
CA GLU A 489 -4.28 -12.66 12.61
C GLU A 489 -4.23 -12.98 14.10
N VAL A 490 -3.53 -12.18 14.90
CA VAL A 490 -3.62 -12.33 16.35
C VAL A 490 -4.95 -11.80 16.86
N TRP A 491 -5.33 -10.60 16.40
CA TRP A 491 -6.61 -9.99 16.73
C TRP A 491 -6.86 -8.83 15.76
N GLN A 492 -8.02 -8.84 15.11
CA GLN A 492 -8.28 -7.91 14.01
C GLN A 492 -8.35 -6.44 14.42
N ALA A 493 -8.62 -6.13 15.69
CA ALA A 493 -8.59 -4.73 16.11
C ALA A 493 -7.20 -4.18 16.37
N LEU A 494 -6.19 -5.03 16.54
CA LEU A 494 -4.92 -4.59 17.12
C LEU A 494 -4.12 -3.62 16.24
N PRO A 495 -4.14 -3.76 14.90
CA PRO A 495 -3.51 -2.70 14.08
C PRO A 495 -4.13 -1.33 14.27
N LEU A 496 -5.44 -1.24 14.39
CA LEU A 496 -6.06 0.06 14.62
C LEU A 496 -5.71 0.63 15.99
N ILE A 497 -5.45 -0.22 16.97
CA ILE A 497 -4.95 0.24 18.27
C ILE A 497 -3.53 0.79 18.14
N LEU A 498 -2.69 0.17 17.32
CA LEU A 498 -1.38 0.75 17.05
C LEU A 498 -1.50 2.10 16.35
N PHE A 499 -2.30 2.16 15.29
CA PHE A 499 -2.44 3.42 14.55
C PHE A 499 -3.01 4.53 15.43
N ALA A 500 -3.95 4.20 16.31
CA ALA A 500 -4.47 5.19 17.27
C ALA A 500 -3.39 5.68 18.22
N VAL A 501 -2.57 4.78 18.75
CA VAL A 501 -1.56 5.20 19.72
C VAL A 501 -0.47 6.03 19.05
N LEU A 502 -0.02 5.60 17.87
CA LEU A 502 0.96 6.38 17.10
C LEU A 502 0.43 7.77 16.77
N GLY A 503 -0.82 7.87 16.31
CA GLY A 503 -1.36 9.18 15.96
C GLY A 503 -1.53 10.09 17.16
N LEU A 504 -1.98 9.53 18.29
CA LEU A 504 -2.18 10.35 19.47
C LEU A 504 -0.87 10.74 20.16
N LEU A 505 0.21 9.98 19.93
CA LEU A 505 1.51 10.44 20.39
C LEU A 505 2.13 11.47 19.46
N ALA A 506 1.98 11.29 18.13
CA ALA A 506 2.44 12.29 17.18
C ALA A 506 1.73 13.63 17.34
N ALA A 507 0.47 13.61 17.80
CA ALA A 507 -0.24 14.87 18.05
C ALA A 507 0.44 15.70 19.14
N GLY A 508 0.68 15.09 20.30
CA GLY A 508 1.31 15.82 21.41
C GLY A 508 2.75 16.24 21.16
N VAL A 509 3.55 15.38 20.55
CA VAL A 509 4.97 15.66 20.33
C VAL A 509 5.18 16.89 19.44
N THR A 510 4.30 17.12 18.48
CA THR A 510 4.41 18.28 17.61
C THR A 510 4.46 19.60 18.40
N LEU A 511 3.73 19.69 19.51
CA LEU A 511 3.72 20.92 20.29
C LEU A 511 5.08 21.28 20.88
N LEU A 512 6.04 20.37 20.90
CA LEU A 512 7.36 20.66 21.44
C LEU A 512 8.28 21.35 20.44
N LEU A 513 7.91 21.43 19.17
CA LEU A 513 8.69 22.19 18.21
C LEU A 513 8.45 23.69 18.36
N PRO A 514 9.45 24.51 18.04
CA PRO A 514 9.26 25.96 18.04
C PRO A 514 8.52 26.44 16.79
N GLU A 515 8.06 27.69 16.86
CA GLU A 515 7.44 28.34 15.70
C GLU A 515 7.86 29.81 15.64
#